data_6SC1
#
_entry.id   6SC1
#
_cell.length_a   92.797
_cell.length_b   92.797
_cell.length_c   129.056
_cell.angle_alpha   90.000
_cell.angle_beta   90.000
_cell.angle_gamma   120.000
#
_symmetry.space_group_name_H-M   'P 61 2 2'
#
loop_
_entity.id
_entity.type
_entity.pdbx_description
1 polymer Thermolysin
2 non-polymer 'ZINC ION'
3 non-polymer 'CALCIUM ION'
4 non-polymer ~{N}-oxidanylbicyclo[2.2.1]heptane-1-carboxamide
5 non-polymer 'ISOPROPYL ALCOHOL'
6 non-polymer GLYCEROL
7 non-polymer 'DIMETHYL SULFOXIDE'
8 water water
#
_entity_poly.entity_id   1
_entity_poly.type   'polypeptide(L)'
_entity_poly.pdbx_seq_one_letter_code
;ITGTSTVGVGRGVLGDQKNINTTYSTYYYLQDNTRGNGIFTYDAKYRTTLPGSLWADADNQFFASYDAPAVDAHYYAGVT
YDYYKNVHNRLSYDGNNAAIRSSVHYSQGYNNAFWNGSQMVYGDGDGQTFIPLSGGIDVVAHELTHAVTDYTAGLIYQNE
SGAINEAISDIFGTLVEFYANKNPDWEIGEDVYTPGISGDSLRSMSDPAKYGDPDHYSKRYTGTQDNGGVHINSGIINKA
AYLISQGGTHYGVSVVGIGRDKLGKIFYRALTQYLTPTSNFSQLRAAAVQSATDLYGSTSQEVASVKQAFDAVGVK
;
_entity_poly.pdbx_strand_id   E
#
loop_
_chem_comp.id
_chem_comp.type
_chem_comp.name
_chem_comp.formula
CA non-polymer 'CALCIUM ION' 'Ca 2'
DMS non-polymer 'DIMETHYL SULFOXIDE' 'C2 H6 O S'
GOL non-polymer GLYCEROL 'C3 H8 O3'
IPA non-polymer 'ISOPROPYL ALCOHOL' 'C3 H8 O'
L5W non-polymer ~{N}-oxidanylbicyclo[2.2.1]heptane-1-carboxamide 'C8 H13 N O2'
ZN non-polymer 'ZINC ION' 'Zn 2'
#
# COMPACT_ATOMS: atom_id res chain seq x y z
N ILE A 1 18.28 9.14 -16.32
CA ILE A 1 19.24 9.48 -17.39
C ILE A 1 18.51 10.17 -18.54
N THR A 2 19.27 10.84 -19.39
CA THR A 2 18.72 11.43 -20.60
C THR A 2 18.65 10.36 -21.69
N GLY A 3 17.52 10.29 -22.38
CA GLY A 3 17.35 9.30 -23.41
C GLY A 3 15.98 9.43 -24.02
N THR A 4 15.58 8.41 -24.79
CA THR A 4 14.29 8.44 -25.45
C THR A 4 13.38 7.37 -24.85
N SER A 5 12.12 7.74 -24.68
CA SER A 5 11.16 6.85 -24.04
C SER A 5 10.79 5.69 -24.96
N THR A 6 10.78 4.48 -24.43
N THR A 6 10.75 4.50 -24.37
CA THR A 6 10.34 3.35 -25.24
CA THR A 6 10.57 3.25 -25.09
C THR A 6 9.57 2.40 -24.34
C THR A 6 9.62 2.36 -24.27
N VAL A 7 9.22 1.24 -24.87
CA VAL A 7 8.33 0.30 -24.21
C VAL A 7 8.94 -1.08 -24.30
N GLY A 8 9.36 -1.62 -23.15
CA GLY A 8 9.83 -2.98 -23.08
C GLY A 8 8.73 -3.95 -22.71
N VAL A 9 9.10 -5.23 -22.68
CA VAL A 9 8.18 -6.30 -22.30
C VAL A 9 8.92 -7.25 -21.38
N GLY A 10 8.19 -7.81 -20.41
CA GLY A 10 8.85 -8.71 -19.50
C GLY A 10 7.83 -9.56 -18.77
N ARG A 11 8.31 -10.34 -17.81
CA ARG A 11 7.46 -11.17 -16.97
C ARG A 11 7.74 -10.84 -15.52
N GLY A 12 6.68 -10.75 -14.73
CA GLY A 12 6.80 -10.47 -13.32
C GLY A 12 6.99 -11.74 -12.51
N VAL A 13 6.97 -11.54 -11.19
CA VAL A 13 7.27 -12.59 -10.21
C VAL A 13 6.32 -13.77 -10.36
N LEU A 14 5.05 -13.52 -10.65
CA LEU A 14 4.06 -14.58 -10.81
C LEU A 14 4.01 -15.15 -12.23
N GLY A 15 4.90 -14.73 -13.13
CA GLY A 15 4.97 -15.29 -14.47
C GLY A 15 4.07 -14.65 -15.50
N ASP A 16 3.46 -13.52 -15.15
CA ASP A 16 2.59 -12.77 -16.05
C ASP A 16 3.40 -11.81 -16.91
N GLN A 17 3.05 -11.74 -18.19
CA GLN A 17 3.70 -10.83 -19.11
C GLN A 17 3.05 -9.46 -19.06
N LYS A 18 3.88 -8.42 -19.04
CA LYS A 18 3.38 -7.05 -19.06
C LYS A 18 4.37 -6.15 -19.79
N ASN A 19 3.84 -5.06 -20.30
CA ASN A 19 4.67 -4.03 -20.93
C ASN A 19 5.11 -3.04 -19.86
N ILE A 20 6.32 -2.52 -20.01
CA ILE A 20 6.89 -1.58 -19.06
C ILE A 20 7.53 -0.42 -19.80
N ASN A 21 7.39 0.77 -19.24
CA ASN A 21 7.94 1.98 -19.82
C ASN A 21 9.41 2.07 -19.48
N THR A 22 10.26 2.17 -20.50
CA THR A 22 11.71 2.20 -20.32
C THR A 22 12.27 3.44 -21.03
N THR A 23 13.58 3.63 -20.87
CA THR A 23 14.33 4.71 -21.50
C THR A 23 15.55 4.14 -22.18
N TYR A 24 15.78 4.50 -23.44
CA TYR A 24 16.93 4.01 -24.19
C TYR A 24 18.03 5.07 -24.26
N SER A 25 19.22 4.67 -23.84
CA SER A 25 20.45 5.43 -24.07
C SER A 25 21.59 4.40 -23.93
N THR A 26 21.97 3.79 -25.07
CA THR A 26 22.95 2.71 -25.14
C THR A 26 22.34 1.41 -24.58
N TYR A 27 21.96 1.42 -23.31
CA TYR A 27 21.14 0.39 -22.70
C TYR A 27 19.68 0.83 -22.62
N TYR A 28 18.80 -0.13 -22.30
CA TYR A 28 17.39 0.16 -21.96
C TYR A 28 17.28 0.17 -20.44
N TYR A 29 16.83 1.27 -19.88
CA TYR A 29 16.75 1.45 -18.44
C TYR A 29 15.32 1.36 -17.95
N LEU A 30 15.15 0.86 -16.72
CA LEU A 30 13.84 0.90 -16.06
C LEU A 30 13.63 2.33 -15.55
N GLN A 31 13.22 3.18 -16.49
CA GLN A 31 12.98 4.60 -16.24
C GLN A 31 11.75 4.93 -17.08
N ASP A 32 10.63 5.18 -16.40
CA ASP A 32 9.33 5.48 -17.01
C ASP A 32 9.17 6.99 -17.00
N ASN A 33 9.26 7.62 -18.18
CA ASN A 33 9.12 9.06 -18.27
C ASN A 33 7.68 9.53 -18.45
N THR A 34 6.73 8.61 -18.53
CA THR A 34 5.33 8.96 -18.79
C THR A 34 4.57 9.36 -17.55
N ARG A 35 5.15 9.20 -16.36
CA ARG A 35 4.47 9.46 -15.10
C ARG A 35 5.27 10.45 -14.29
N GLY A 36 4.74 11.67 -14.17
CA GLY A 36 5.37 12.67 -13.33
C GLY A 36 6.80 12.95 -13.74
N ASN A 37 7.67 13.07 -12.75
CA ASN A 37 9.09 13.26 -13.02
C ASN A 37 9.83 11.94 -13.07
N GLY A 38 9.12 10.86 -13.25
CA GLY A 38 9.72 9.59 -13.59
C GLY A 38 9.54 8.55 -12.51
N ILE A 39 9.51 7.30 -12.96
CA ILE A 39 9.59 6.13 -12.09
C ILE A 39 10.87 5.40 -12.46
N PHE A 40 11.71 5.15 -11.47
CA PHE A 40 13.07 4.65 -11.65
C PHE A 40 13.25 3.41 -10.78
N THR A 41 13.70 2.33 -11.39
CA THR A 41 13.91 1.08 -10.66
C THR A 41 15.36 0.63 -10.76
N TYR A 42 15.91 0.19 -9.61
CA TYR A 42 17.33 -0.02 -9.38
C TYR A 42 17.59 -1.46 -8.93
N ASP A 43 18.80 -1.95 -9.22
CA ASP A 43 19.29 -3.26 -8.77
C ASP A 43 20.19 -3.05 -7.55
N ALA A 44 19.76 -3.55 -6.39
CA ALA A 44 20.60 -3.55 -5.19
C ALA A 44 21.54 -4.75 -5.11
N LYS A 45 21.43 -5.70 -6.02
CA LYS A 45 22.46 -6.72 -6.26
C LYS A 45 22.78 -7.54 -5.02
N TYR A 46 21.77 -7.81 -4.20
CA TYR A 46 21.85 -8.60 -2.98
C TYR A 46 22.59 -7.88 -1.86
N ARG A 47 22.85 -6.59 -1.99
CA ARG A 47 23.50 -5.79 -0.94
C ARG A 47 22.48 -4.90 -0.26
N THR A 48 22.93 -4.15 0.74
CA THR A 48 22.07 -3.20 1.43
C THR A 48 22.48 -1.75 1.18
N THR A 49 23.36 -1.52 0.20
N THR A 49 23.46 -1.52 0.32
CA THR A 49 23.81 -0.17 -0.17
CA THR A 49 23.70 -0.16 -0.13
C THR A 49 22.87 0.40 -1.23
C THR A 49 22.57 0.26 -1.03
N LEU A 50 22.09 1.47 -0.85
CA LEU A 50 21.00 1.98 -1.64
C LEU A 50 21.40 3.23 -2.38
N PRO A 51 20.87 3.43 -3.60
CA PRO A 51 19.83 2.60 -4.24
C PRO A 51 20.35 1.43 -5.03
N GLY A 52 21.66 1.36 -5.26
CA GLY A 52 22.21 0.45 -6.23
C GLY A 52 22.25 1.15 -7.58
N SER A 53 22.24 0.35 -8.64
CA SER A 53 22.43 0.89 -9.97
C SER A 53 21.10 0.91 -10.73
N LEU A 54 20.86 1.99 -11.47
CA LEU A 54 19.64 2.07 -12.26
C LEU A 54 19.60 0.88 -13.19
N TRP A 55 18.46 0.20 -13.23
CA TRP A 55 18.38 -1.09 -13.92
C TRP A 55 18.58 -0.91 -15.41
N ALA A 56 19.61 -1.57 -15.95
CA ALA A 56 19.99 -1.48 -17.36
C ALA A 56 19.88 -2.86 -17.99
N ASP A 57 19.37 -2.91 -19.23
CA ASP A 57 19.13 -4.16 -19.95
C ASP A 57 19.52 -3.95 -21.41
N ALA A 58 20.16 -4.96 -22.00
CA ALA A 58 20.71 -4.78 -23.35
C ALA A 58 19.64 -4.77 -24.43
N ASP A 59 18.51 -5.47 -24.24
CA ASP A 59 17.60 -5.63 -25.37
C ASP A 59 16.14 -5.23 -25.12
N ASN A 60 15.81 -4.66 -23.96
CA ASN A 60 14.46 -4.21 -23.67
C ASN A 60 13.47 -5.36 -23.49
N GLN A 61 13.98 -6.56 -23.27
CA GLN A 61 13.18 -7.73 -22.93
C GLN A 61 13.58 -8.20 -21.54
N PHE A 62 12.60 -8.38 -20.66
CA PHE A 62 12.86 -8.62 -19.24
C PHE A 62 12.22 -9.94 -18.80
N PHE A 63 12.67 -11.04 -19.37
CA PHE A 63 12.09 -12.35 -19.11
C PHE A 63 12.98 -13.26 -18.27
N ALA A 64 14.14 -12.79 -17.81
CA ALA A 64 14.98 -13.61 -16.94
C ALA A 64 14.39 -13.66 -15.53
N SER A 65 14.63 -14.78 -14.83
CA SER A 65 14.18 -14.88 -13.45
C SER A 65 14.65 -13.69 -12.61
N TYR A 66 15.90 -13.27 -12.80
CA TYR A 66 16.46 -12.16 -12.04
C TYR A 66 15.74 -10.84 -12.34
N ASP A 67 15.13 -10.75 -13.52
CA ASP A 67 14.43 -9.54 -13.92
C ASP A 67 13.08 -9.38 -13.23
N ALA A 68 12.45 -10.50 -12.84
CA ALA A 68 11.05 -10.47 -12.46
C ALA A 68 10.75 -9.50 -11.33
N PRO A 69 11.52 -9.43 -10.25
CA PRO A 69 11.16 -8.46 -9.20
C PRO A 69 11.24 -7.02 -9.67
N ALA A 70 12.16 -6.72 -10.58
CA ALA A 70 12.28 -5.37 -11.10
C ALA A 70 11.09 -5.00 -11.98
N VAL A 71 10.67 -5.93 -12.84
CA VAL A 71 9.50 -5.71 -13.68
C VAL A 71 8.31 -5.31 -12.82
N ASP A 72 8.06 -6.07 -11.75
CA ASP A 72 6.86 -5.82 -10.94
C ASP A 72 7.01 -4.55 -10.08
N ALA A 73 8.19 -4.32 -9.50
CA ALA A 73 8.37 -3.07 -8.75
C ALA A 73 8.08 -1.87 -9.65
N HIS A 74 8.58 -1.92 -10.88
CA HIS A 74 8.45 -0.82 -11.82
C HIS A 74 7.00 -0.67 -12.26
N TYR A 75 6.40 -1.77 -12.67
CA TYR A 75 5.04 -1.73 -13.20
C TYR A 75 4.04 -1.36 -12.12
N TYR A 76 4.16 -1.94 -10.92
CA TYR A 76 3.17 -1.65 -9.87
C TYR A 76 3.37 -0.28 -9.24
N ALA A 77 4.57 0.29 -9.29
CA ALA A 77 4.70 1.71 -8.96
C ALA A 77 3.89 2.55 -9.92
N GLY A 78 3.88 2.18 -11.21
CA GLY A 78 3.09 2.91 -12.19
C GLY A 78 1.60 2.78 -11.93
N VAL A 79 1.14 1.58 -11.61
CA VAL A 79 -0.27 1.41 -11.30
C VAL A 79 -0.65 2.27 -10.10
N THR A 80 0.20 2.27 -9.06
CA THR A 80 -0.10 3.05 -7.87
C THR A 80 -0.15 4.54 -8.19
N TYR A 81 0.82 5.03 -8.97
CA TYR A 81 0.78 6.41 -9.46
C TYR A 81 -0.54 6.70 -10.17
N ASP A 82 -0.94 5.80 -11.07
CA ASP A 82 -2.17 6.01 -11.83
C ASP A 82 -3.38 6.07 -10.89
N TYR A 83 -3.42 5.20 -9.88
CA TYR A 83 -4.55 5.21 -8.95
C TYR A 83 -4.65 6.58 -8.27
N TYR A 84 -3.55 7.05 -7.68
CA TYR A 84 -3.62 8.32 -6.95
C TYR A 84 -3.95 9.48 -7.88
N LYS A 85 -3.43 9.48 -9.11
CA LYS A 85 -3.68 10.59 -10.03
C LYS A 85 -5.11 10.56 -10.55
N ASN A 86 -5.55 9.39 -11.02
CA ASN A 86 -6.85 9.30 -11.66
C ASN A 86 -8.01 9.30 -10.66
N VAL A 87 -7.79 8.75 -9.47
CA VAL A 87 -8.88 8.64 -8.49
C VAL A 87 -8.90 9.80 -7.52
N HIS A 88 -7.72 10.32 -7.11
CA HIS A 88 -7.66 11.36 -6.10
C HIS A 88 -7.02 12.65 -6.58
N ASN A 89 -6.68 12.74 -7.86
CA ASN A 89 -6.02 13.93 -8.42
C ASN A 89 -4.77 14.30 -7.63
N ARG A 90 -4.03 13.27 -7.21
CA ARG A 90 -2.77 13.46 -6.50
C ARG A 90 -1.64 13.02 -7.42
N LEU A 91 -0.67 13.90 -7.61
CA LEU A 91 0.47 13.70 -8.52
C LEU A 91 1.66 13.21 -7.71
N SER A 92 1.89 11.89 -7.75
CA SER A 92 2.90 11.21 -6.96
C SER A 92 2.72 11.42 -5.47
N TYR A 93 3.70 10.97 -4.69
CA TYR A 93 3.46 10.88 -3.25
C TYR A 93 3.51 12.24 -2.57
N ASP A 94 4.24 13.21 -3.12
CA ASP A 94 4.28 14.55 -2.57
C ASP A 94 3.27 15.50 -3.20
N GLY A 95 2.44 15.02 -4.14
CA GLY A 95 1.50 15.89 -4.83
C GLY A 95 2.12 16.82 -5.85
N ASN A 96 3.43 16.74 -6.06
CA ASN A 96 4.15 17.55 -7.04
C ASN A 96 4.98 16.69 -7.97
N ASN A 97 4.53 15.46 -8.22
CA ASN A 97 5.15 14.57 -9.20
C ASN A 97 6.60 14.20 -8.86
N ALA A 98 6.91 14.04 -7.58
CA ALA A 98 8.20 13.51 -7.19
C ALA A 98 8.52 12.21 -7.91
N ALA A 99 9.77 12.07 -8.30
CA ALA A 99 10.23 10.80 -8.86
C ALA A 99 10.05 9.68 -7.86
N ILE A 100 9.59 8.53 -8.36
CA ILE A 100 9.39 7.33 -7.54
C ILE A 100 10.53 6.37 -7.82
N ARG A 101 11.34 6.10 -6.81
CA ARG A 101 12.53 5.26 -6.93
C ARG A 101 12.33 3.99 -6.12
N SER A 102 12.68 2.85 -6.72
CA SER A 102 12.58 1.54 -6.09
C SER A 102 13.84 0.74 -6.33
N SER A 103 14.30 0.01 -5.30
CA SER A 103 15.40 -0.93 -5.43
C SER A 103 14.91 -2.35 -5.14
N VAL A 104 15.32 -3.30 -5.98
CA VAL A 104 14.98 -4.71 -5.78
C VAL A 104 16.26 -5.51 -5.54
N HIS A 105 16.08 -6.78 -5.20
CA HIS A 105 17.17 -7.67 -4.79
C HIS A 105 17.95 -7.06 -3.62
N TYR A 106 17.22 -6.49 -2.67
CA TYR A 106 17.84 -5.96 -1.45
C TYR A 106 18.26 -7.11 -0.53
N SER A 107 19.54 -7.14 -0.17
CA SER A 107 20.10 -8.14 0.75
C SER A 107 19.90 -9.56 0.24
N GLN A 108 20.01 -10.53 1.14
CA GLN A 108 19.87 -11.96 0.85
C GLN A 108 18.76 -12.55 1.71
N GLY A 109 17.81 -13.22 1.07
CA GLY A 109 16.74 -13.89 1.79
C GLY A 109 15.89 -12.96 2.64
N TYR A 110 15.72 -11.71 2.21
CA TYR A 110 15.15 -10.66 3.06
C TYR A 110 13.63 -10.70 2.94
N ASN A 111 12.96 -11.03 4.05
CA ASN A 111 11.52 -11.23 4.06
C ASN A 111 10.78 -9.93 4.42
N ASN A 112 11.02 -8.89 3.64
CA ASN A 112 10.35 -7.61 3.90
C ASN A 112 10.51 -6.68 2.70
N ALA A 113 9.76 -5.59 2.77
CA ALA A 113 9.81 -4.49 1.81
C ALA A 113 9.44 -3.23 2.57
N PHE A 114 10.00 -2.09 2.17
CA PHE A 114 9.79 -0.89 2.96
C PHE A 114 10.13 0.36 2.16
N TRP A 115 9.40 1.42 2.50
CA TRP A 115 9.75 2.79 2.18
C TRP A 115 10.73 3.31 3.22
N ASN A 116 11.89 3.81 2.78
CA ASN A 116 12.97 4.16 3.71
C ASN A 116 13.02 5.67 3.98
N GLY A 117 11.96 6.40 3.63
CA GLY A 117 11.92 7.85 3.72
C GLY A 117 12.16 8.55 2.40
N SER A 118 12.79 7.86 1.45
CA SER A 118 13.18 8.43 0.16
C SER A 118 12.85 7.53 -1.01
N GLN A 119 12.68 6.22 -0.80
CA GLN A 119 12.53 5.27 -1.88
C GLN A 119 11.95 3.97 -1.35
N MET A 120 11.51 3.13 -2.29
CA MET A 120 11.05 1.78 -2.02
C MET A 120 12.21 0.81 -2.06
N VAL A 121 12.16 -0.18 -1.17
CA VAL A 121 13.16 -1.25 -1.06
C VAL A 121 12.42 -2.58 -0.96
N TYR A 122 12.80 -3.56 -1.81
CA TYR A 122 12.15 -4.87 -1.82
C TYR A 122 13.17 -5.99 -1.64
N GLY A 123 12.95 -6.82 -0.60
CA GLY A 123 13.68 -8.08 -0.52
C GLY A 123 13.15 -9.10 -1.51
N ASP A 124 13.94 -10.15 -1.70
CA ASP A 124 13.52 -11.28 -2.53
C ASP A 124 12.79 -12.36 -1.74
N GLY A 125 12.76 -12.27 -0.41
CA GLY A 125 12.25 -13.34 0.41
C GLY A 125 13.25 -14.47 0.49
N ASP A 126 12.96 -15.44 1.39
CA ASP A 126 13.81 -16.63 1.50
C ASP A 126 13.25 -17.82 0.70
N GLY A 127 12.21 -17.59 -0.09
CA GLY A 127 11.60 -18.64 -0.89
C GLY A 127 10.62 -19.50 -0.15
N GLN A 128 10.54 -19.39 1.17
CA GLN A 128 9.60 -20.14 1.98
C GLN A 128 8.58 -19.25 2.65
N THR A 129 9.03 -18.21 3.35
CA THR A 129 8.12 -17.24 3.93
C THR A 129 7.59 -16.29 2.87
N PHE A 130 8.46 -15.83 1.96
CA PHE A 130 8.08 -14.93 0.89
C PHE A 130 8.83 -15.30 -0.38
N ILE A 131 8.21 -14.99 -1.51
CA ILE A 131 8.90 -14.84 -2.80
C ILE A 131 9.09 -13.33 -3.00
N PRO A 132 9.76 -12.86 -4.05
CA PRO A 132 10.11 -11.44 -4.09
C PRO A 132 8.90 -10.53 -3.91
N LEU A 133 9.00 -9.60 -2.95
CA LEU A 133 7.81 -8.97 -2.41
C LEU A 133 7.18 -7.96 -3.36
N SER A 134 7.91 -7.47 -4.37
CA SER A 134 7.28 -6.61 -5.35
C SER A 134 6.26 -7.34 -6.21
N GLY A 135 6.17 -8.66 -6.12
CA GLY A 135 5.13 -9.41 -6.80
C GLY A 135 3.72 -9.14 -6.30
N GLY A 136 3.60 -8.48 -5.15
CA GLY A 136 2.31 -8.16 -4.56
C GLY A 136 1.95 -6.72 -4.81
N ILE A 137 0.91 -6.47 -5.62
CA ILE A 137 0.52 -5.08 -5.87
C ILE A 137 0.08 -4.41 -4.57
N ASP A 138 -0.54 -5.16 -3.65
CA ASP A 138 -0.93 -4.51 -2.40
C ASP A 138 0.28 -4.18 -1.52
N VAL A 139 1.36 -4.96 -1.60
CA VAL A 139 2.62 -4.63 -0.93
C VAL A 139 3.20 -3.33 -1.47
N VAL A 140 3.30 -3.22 -2.80
CA VAL A 140 3.87 -2.03 -3.42
C VAL A 140 3.05 -0.81 -3.03
N ALA A 141 1.73 -0.90 -3.17
CA ALA A 141 0.89 0.27 -2.88
C ALA A 141 0.84 0.55 -1.38
N HIS A 142 0.88 -0.48 -0.54
CA HIS A 142 0.97 -0.27 0.90
C HIS A 142 2.17 0.61 1.24
N GLU A 143 3.34 0.25 0.76
CA GLU A 143 4.52 0.99 1.19
C GLU A 143 4.61 2.35 0.51
N LEU A 144 4.17 2.48 -0.74
CA LEU A 144 4.13 3.81 -1.35
C LEU A 144 3.10 4.70 -0.66
N THR A 145 2.07 4.10 -0.08
CA THR A 145 1.13 4.91 0.68
C THR A 145 1.76 5.44 1.96
N HIS A 146 2.76 4.76 2.54
CA HIS A 146 3.47 5.37 3.65
C HIS A 146 4.10 6.71 3.24
N ALA A 147 4.60 6.78 2.00
CA ALA A 147 5.17 8.04 1.51
C ALA A 147 4.11 9.12 1.43
N VAL A 148 2.92 8.75 0.92
CA VAL A 148 1.80 9.69 0.88
C VAL A 148 1.49 10.19 2.29
N THR A 149 1.35 9.27 3.24
CA THR A 149 1.09 9.66 4.62
C THR A 149 2.18 10.56 5.18
N ASP A 150 3.44 10.23 4.91
CA ASP A 150 4.51 11.07 5.45
C ASP A 150 4.43 12.51 4.95
N TYR A 151 3.95 12.73 3.73
CA TYR A 151 3.86 14.06 3.14
C TYR A 151 2.55 14.77 3.47
N THR A 152 1.63 14.08 4.15
CA THR A 152 0.32 14.65 4.45
C THR A 152 0.13 14.62 5.95
N ALA A 153 -0.61 13.66 6.48
CA ALA A 153 -0.92 13.63 7.91
C ALA A 153 0.35 13.54 8.75
N GLY A 154 1.35 12.78 8.30
CA GLY A 154 2.56 12.67 9.09
C GLY A 154 2.42 11.86 10.35
N LEU A 155 1.48 10.91 10.38
CA LEU A 155 1.26 10.06 11.54
C LEU A 155 2.55 9.39 12.02
N ILE A 156 2.87 9.62 13.29
CA ILE A 156 4.05 9.02 13.90
C ILE A 156 3.91 7.50 13.96
N TYR A 157 5.01 6.79 13.79
N TYR A 157 5.03 6.80 13.81
CA TYR A 157 4.97 5.34 13.64
CA TYR A 157 5.05 5.35 13.64
C TYR A 157 5.08 4.63 14.97
C TYR A 157 5.08 4.62 14.98
N GLN A 158 4.13 4.93 15.85
CA GLN A 158 4.05 4.23 17.13
C GLN A 158 2.64 4.34 17.67
N ASN A 159 2.24 3.33 18.45
CA ASN A 159 1.00 3.35 19.24
C ASN A 159 -0.19 3.60 18.30
N GLU A 160 -1.22 4.34 18.73
CA GLU A 160 -2.42 4.44 17.90
C GLU A 160 -2.17 5.19 16.60
N SER A 161 -1.36 6.25 16.62
N SER A 161 -1.37 6.26 16.64
CA SER A 161 -1.11 6.96 15.38
CA SER A 161 -1.06 6.97 15.40
C SER A 161 -0.40 6.07 14.38
C SER A 161 -0.42 6.03 14.39
N GLY A 162 0.49 5.18 14.87
CA GLY A 162 1.17 4.26 13.97
C GLY A 162 0.27 3.17 13.45
N ALA A 163 -0.68 2.72 14.27
CA ALA A 163 -1.66 1.75 13.80
C ALA A 163 -2.58 2.36 12.74
N ILE A 164 -2.94 3.64 12.89
CA ILE A 164 -3.66 4.35 11.84
C ILE A 164 -2.82 4.44 10.57
N ASN A 165 -1.53 4.80 10.73
CA ASN A 165 -0.61 4.86 9.60
C ASN A 165 -0.62 3.53 8.84
N GLU A 166 -0.48 2.42 9.57
CA GLU A 166 -0.50 1.10 8.95
C GLU A 166 -1.82 0.81 8.26
N ALA A 167 -2.93 1.10 8.93
CA ALA A 167 -4.24 0.84 8.35
C ALA A 167 -4.45 1.65 7.07
N ILE A 168 -3.99 2.91 7.04
CA ILE A 168 -4.11 3.71 5.83
C ILE A 168 -3.38 3.02 4.68
N SER A 169 -2.19 2.48 4.96
CA SER A 169 -1.44 1.77 3.92
C SER A 169 -2.15 0.50 3.48
N ASP A 170 -2.81 -0.22 4.41
CA ASP A 170 -3.55 -1.42 4.02
C ASP A 170 -4.81 -1.07 3.21
N ILE A 171 -5.49 0.00 3.62
CA ILE A 171 -6.67 0.46 2.91
C ILE A 171 -6.33 0.80 1.47
N PHE A 172 -5.34 1.67 1.25
CA PHE A 172 -5.06 2.09 -0.12
C PHE A 172 -4.27 1.04 -0.87
N GLY A 173 -3.50 0.19 -0.20
CA GLY A 173 -2.93 -0.95 -0.89
C GLY A 173 -4.01 -1.85 -1.47
N THR A 174 -5.06 -2.11 -0.68
CA THR A 174 -6.19 -2.90 -1.14
C THR A 174 -6.98 -2.18 -2.24
N LEU A 175 -7.21 -0.88 -2.10
CA LEU A 175 -7.94 -0.17 -3.13
C LEU A 175 -7.16 -0.11 -4.44
N VAL A 176 -5.83 -0.03 -4.40
CA VAL A 176 -5.07 -0.15 -5.64
C VAL A 176 -5.21 -1.55 -6.22
N GLU A 177 -5.17 -2.58 -5.37
CA GLU A 177 -5.36 -3.93 -5.85
C GLU A 177 -6.71 -4.07 -6.57
N PHE A 178 -7.78 -3.50 -6.00
CA PHE A 178 -9.08 -3.51 -6.67
C PHE A 178 -9.05 -2.71 -7.97
N TYR A 179 -8.37 -1.56 -7.97
CA TYR A 179 -8.23 -0.72 -9.17
C TYR A 179 -7.61 -1.51 -10.31
N ALA A 180 -6.57 -2.29 -10.02
CA ALA A 180 -5.91 -3.08 -11.05
C ALA A 180 -6.76 -4.29 -11.44
N ASN A 181 -7.63 -4.72 -10.53
CA ASN A 181 -8.66 -5.72 -10.80
C ASN A 181 -8.10 -7.08 -11.22
N LYS A 182 -6.98 -7.48 -10.63
CA LYS A 182 -6.46 -8.84 -10.77
C LYS A 182 -6.56 -9.52 -9.40
N ASN A 183 -7.46 -10.49 -9.29
CA ASN A 183 -7.67 -11.27 -8.08
C ASN A 183 -7.75 -10.39 -6.82
N PRO A 184 -8.62 -9.38 -6.82
CA PRO A 184 -8.66 -8.46 -5.68
C PRO A 184 -9.31 -9.11 -4.47
N ASP A 185 -8.86 -8.67 -3.29
CA ASP A 185 -9.38 -9.17 -2.03
C ASP A 185 -9.07 -8.15 -0.95
N TRP A 186 -9.52 -8.46 0.27
CA TRP A 186 -9.27 -7.63 1.45
C TRP A 186 -8.19 -8.23 2.36
N GLU A 187 -7.28 -9.01 1.80
CA GLU A 187 -6.16 -9.55 2.54
C GLU A 187 -4.89 -8.87 2.04
N ILE A 188 -3.81 -9.01 2.81
CA ILE A 188 -2.57 -8.27 2.54
C ILE A 188 -1.43 -9.26 2.29
N GLY A 189 -0.84 -9.20 1.11
CA GLY A 189 0.36 -9.94 0.79
C GLY A 189 0.17 -11.36 0.29
N GLU A 190 -1.07 -11.78 0.01
CA GLU A 190 -1.35 -13.15 -0.38
C GLU A 190 -0.60 -13.59 -1.63
N ASP A 191 -0.22 -12.64 -2.50
CA ASP A 191 0.39 -13.06 -3.75
C ASP A 191 1.87 -13.42 -3.60
N VAL A 192 2.50 -13.03 -2.50
CA VAL A 192 3.92 -13.28 -2.30
C VAL A 192 4.22 -14.02 -1.01
N TYR A 193 3.23 -14.24 -0.16
CA TYR A 193 3.42 -14.93 1.12
C TYR A 193 3.29 -16.44 0.99
N THR A 194 4.23 -17.17 1.60
CA THR A 194 4.21 -18.63 1.70
C THR A 194 3.80 -19.35 0.43
N PRO A 195 4.70 -19.45 -0.54
CA PRO A 195 4.36 -20.17 -1.78
C PRO A 195 3.90 -21.60 -1.55
N GLY A 196 4.25 -22.18 -0.42
CA GLY A 196 3.86 -23.54 -0.13
C GLY A 196 2.50 -23.73 0.50
N ILE A 197 1.80 -22.63 0.81
CA ILE A 197 0.55 -22.65 1.55
C ILE A 197 -0.45 -21.78 0.80
N SER A 198 -1.54 -22.40 0.33
CA SER A 198 -2.57 -21.68 -0.40
C SER A 198 -3.56 -21.04 0.57
N GLY A 199 -4.04 -19.85 0.22
CA GLY A 199 -5.16 -19.25 0.92
C GLY A 199 -4.84 -18.45 2.16
N ASP A 200 -3.57 -18.22 2.46
CA ASP A 200 -3.19 -17.40 3.60
C ASP A 200 -2.65 -16.04 3.14
N SER A 201 -2.30 -15.20 4.11
CA SER A 201 -1.73 -13.87 3.87
C SER A 201 -1.15 -13.39 5.19
N LEU A 202 -0.60 -12.17 5.18
CA LEU A 202 -0.05 -11.56 6.39
C LEU A 202 -1.14 -11.07 7.34
N ARG A 203 -2.23 -10.53 6.78
CA ARG A 203 -3.27 -9.83 7.53
C ARG A 203 -4.56 -9.94 6.74
N SER A 204 -5.70 -9.90 7.44
CA SER A 204 -6.99 -9.75 6.80
C SER A 204 -7.67 -8.49 7.30
N MET A 205 -8.23 -7.70 6.38
CA MET A 205 -9.00 -6.53 6.76
C MET A 205 -10.44 -6.91 7.11
N SER A 206 -11.00 -7.89 6.42
CA SER A 206 -12.39 -8.29 6.65
C SER A 206 -12.54 -9.11 7.91
N ASP A 207 -11.51 -9.85 8.31
CA ASP A 207 -11.53 -10.64 9.55
C ASP A 207 -10.14 -10.66 10.13
N PRO A 208 -9.71 -9.54 10.73
CA PRO A 208 -8.34 -9.46 11.26
C PRO A 208 -7.99 -10.61 12.19
N ALA A 209 -8.99 -11.11 12.92
CA ALA A 209 -8.76 -12.20 13.86
C ALA A 209 -8.38 -13.50 13.18
N LYS A 210 -8.65 -13.63 11.87
CA LYS A 210 -8.20 -14.79 11.09
C LYS A 210 -6.71 -15.03 11.30
N TYR A 211 -5.93 -13.97 11.50
CA TYR A 211 -4.50 -14.09 11.75
C TYR A 211 -4.12 -13.56 13.14
N GLY A 212 -5.09 -13.46 14.04
CA GLY A 212 -4.81 -13.12 15.42
C GLY A 212 -4.78 -11.65 15.74
N ASP A 213 -5.12 -10.80 14.80
CA ASP A 213 -5.14 -9.37 15.06
C ASP A 213 -6.50 -8.93 15.58
N PRO A 214 -6.52 -7.90 16.43
CA PRO A 214 -7.77 -7.48 17.06
C PRO A 214 -8.74 -6.86 16.07
N ASP A 215 -10.02 -7.06 16.35
CA ASP A 215 -11.11 -6.53 15.54
C ASP A 215 -12.08 -5.70 16.38
N HIS A 216 -11.63 -5.29 17.56
CA HIS A 216 -12.39 -4.46 18.48
C HIS A 216 -11.40 -3.76 19.41
N TYR A 217 -11.70 -2.50 19.74
CA TYR A 217 -10.80 -1.70 20.57
C TYR A 217 -10.52 -2.37 21.91
N SER A 218 -11.49 -3.12 22.45
CA SER A 218 -11.30 -3.76 23.74
C SER A 218 -10.22 -4.82 23.69
N LYS A 219 -9.89 -5.31 22.50
CA LYS A 219 -8.92 -6.37 22.29
C LYS A 219 -7.56 -5.81 21.87
N ARG A 220 -7.37 -4.50 21.91
CA ARG A 220 -6.14 -3.91 21.43
C ARG A 220 -4.94 -4.41 22.22
N TYR A 221 -3.81 -4.47 21.53
CA TYR A 221 -2.53 -4.76 22.15
C TYR A 221 -2.02 -3.50 22.82
N THR A 222 -1.55 -3.63 24.06
CA THR A 222 -1.15 -2.49 24.85
C THR A 222 0.33 -2.50 25.21
N GLY A 223 1.08 -3.51 24.76
CA GLY A 223 2.50 -3.60 25.06
C GLY A 223 3.36 -2.81 24.09
N THR A 224 4.66 -3.14 24.08
CA THR A 224 5.64 -2.33 23.35
C THR A 224 6.18 -2.99 22.09
N GLN A 225 5.92 -4.28 21.87
CA GLN A 225 6.33 -4.94 20.65
C GLN A 225 5.78 -4.18 19.45
N ASP A 226 6.49 -4.26 18.33
CA ASP A 226 5.97 -3.76 17.05
C ASP A 226 5.60 -2.29 17.16
N ASN A 227 6.47 -1.51 17.81
CA ASN A 227 6.27 -0.07 18.01
C ASN A 227 4.94 0.23 18.69
N GLY A 228 4.56 -0.59 19.66
CA GLY A 228 3.26 -0.47 20.27
C GLY A 228 2.14 -1.06 19.45
N GLY A 229 2.41 -2.13 18.72
CA GLY A 229 1.39 -2.85 17.97
C GLY A 229 0.89 -2.22 16.70
N VAL A 230 1.76 -1.53 15.93
CA VAL A 230 1.23 -0.80 14.78
C VAL A 230 0.67 -1.75 13.70
N HIS A 231 1.22 -2.97 13.54
CA HIS A 231 0.71 -3.94 12.58
C HIS A 231 -0.33 -4.86 13.20
N ILE A 232 -0.60 -4.70 14.50
CA ILE A 232 -1.55 -5.53 15.22
C ILE A 232 -2.84 -4.74 15.37
N ASN A 233 -2.74 -3.58 16.03
CA ASN A 233 -3.93 -2.75 16.26
C ASN A 233 -4.44 -2.09 14.99
N SER A 234 -3.68 -2.16 13.89
CA SER A 234 -4.24 -1.75 12.61
C SER A 234 -5.48 -2.56 12.27
N GLY A 235 -5.61 -3.79 12.81
CA GLY A 235 -6.79 -4.58 12.49
C GLY A 235 -8.09 -3.91 12.91
N ILE A 236 -8.05 -3.10 13.98
CA ILE A 236 -9.27 -2.44 14.45
C ILE A 236 -9.75 -1.43 13.40
N ILE A 237 -8.83 -0.66 12.83
CA ILE A 237 -9.18 0.34 11.82
C ILE A 237 -9.45 -0.31 10.47
N ASN A 238 -8.66 -1.34 10.12
CA ASN A 238 -8.92 -2.09 8.89
C ASN A 238 -10.32 -2.67 8.90
N LYS A 239 -10.75 -3.22 10.05
CA LYS A 239 -12.09 -3.76 10.13
C LYS A 239 -13.14 -2.68 9.93
N ALA A 240 -12.95 -1.53 10.57
CA ALA A 240 -13.90 -0.43 10.39
C ALA A 240 -13.97 -0.02 8.92
N ALA A 241 -12.82 0.05 8.25
CA ALA A 241 -12.82 0.43 6.84
C ALA A 241 -13.54 -0.62 5.99
N TYR A 242 -13.25 -1.91 6.25
CA TYR A 242 -13.97 -2.97 5.56
C TYR A 242 -15.48 -2.83 5.74
N LEU A 243 -15.93 -2.56 6.97
CA LEU A 243 -17.36 -2.44 7.22
C LEU A 243 -17.94 -1.23 6.52
N ILE A 244 -17.21 -0.11 6.49
CA ILE A 244 -17.73 1.06 5.79
C ILE A 244 -17.98 0.73 4.33
N SER A 245 -17.04 0.01 3.70
CA SER A 245 -17.16 -0.32 2.29
C SER A 245 -18.21 -1.39 2.03
N GLN A 246 -18.09 -2.52 2.73
CA GLN A 246 -18.83 -3.72 2.37
C GLN A 246 -20.02 -4.00 3.28
N GLY A 247 -20.10 -3.34 4.44
CA GLY A 247 -21.17 -3.58 5.39
C GLY A 247 -20.99 -4.88 6.17
N GLY A 248 -21.87 -5.06 7.13
CA GLY A 248 -21.87 -6.25 7.96
C GLY A 248 -22.36 -5.93 9.36
N THR A 249 -22.57 -6.99 10.12
CA THR A 249 -22.92 -6.88 11.53
C THR A 249 -21.79 -7.50 12.32
N HIS A 250 -21.22 -6.73 13.24
CA HIS A 250 -19.98 -7.05 13.91
C HIS A 250 -20.18 -6.70 15.39
N TYR A 251 -19.94 -7.68 16.26
CA TYR A 251 -20.30 -7.61 17.66
C TYR A 251 -21.68 -6.99 17.84
N GLY A 252 -22.62 -7.41 17.01
CA GLY A 252 -24.00 -6.98 17.16
C GLY A 252 -24.34 -5.62 16.60
N VAL A 253 -23.38 -4.91 16.01
CA VAL A 253 -23.62 -3.59 15.44
C VAL A 253 -23.69 -3.71 13.93
N SER A 254 -24.79 -3.26 13.34
CA SER A 254 -24.97 -3.40 11.90
C SER A 254 -24.47 -2.16 11.16
N VAL A 255 -23.78 -2.38 10.05
CA VAL A 255 -23.22 -1.33 9.20
C VAL A 255 -23.70 -1.53 7.77
N VAL A 256 -24.30 -0.50 7.18
CA VAL A 256 -24.68 -0.53 5.77
C VAL A 256 -23.48 -0.06 4.93
N GLY A 257 -23.04 -0.91 4.01
CA GLY A 257 -21.87 -0.57 3.22
C GLY A 257 -22.19 0.49 2.19
N ILE A 258 -21.17 1.28 1.86
CA ILE A 258 -21.29 2.35 0.88
C ILE A 258 -20.34 2.19 -0.28
N GLY A 259 -19.52 1.15 -0.29
CA GLY A 259 -18.71 0.79 -1.44
C GLY A 259 -17.29 1.31 -1.34
N ARG A 260 -16.41 0.69 -2.13
CA ARG A 260 -14.97 0.98 -2.05
C ARG A 260 -14.65 2.41 -2.45
N ASP A 261 -15.33 2.92 -3.49
CA ASP A 261 -14.97 4.24 -4.01
C ASP A 261 -15.22 5.31 -2.97
N LYS A 262 -16.35 5.22 -2.26
CA LYS A 262 -16.64 6.21 -1.22
C LYS A 262 -15.76 6.00 0.01
N LEU A 263 -15.47 4.75 0.37
CA LEU A 263 -14.43 4.52 1.38
C LEU A 263 -13.15 5.26 1.01
N GLY A 264 -12.70 5.11 -0.24
CA GLY A 264 -11.47 5.76 -0.66
C GLY A 264 -11.54 7.27 -0.56
N LYS A 265 -12.65 7.85 -1.00
CA LYS A 265 -12.77 9.30 -0.94
C LYS A 265 -12.78 9.79 0.50
N ILE A 266 -13.49 9.08 1.39
CA ILE A 266 -13.58 9.50 2.78
C ILE A 266 -12.22 9.41 3.46
N PHE A 267 -11.53 8.29 3.29
CA PHE A 267 -10.25 8.18 3.98
C PHE A 267 -9.17 9.03 3.32
N TYR A 268 -9.22 9.25 1.99
CA TYR A 268 -8.22 10.13 1.40
C TYR A 268 -8.39 11.54 1.93
N ARG A 269 -9.64 12.01 2.05
CA ARG A 269 -9.90 13.33 2.62
C ARG A 269 -9.49 13.41 4.08
N ALA A 270 -9.80 12.38 4.88
CA ALA A 270 -9.35 12.38 6.28
C ALA A 270 -7.84 12.49 6.37
N LEU A 271 -7.13 11.69 5.57
CA LEU A 271 -5.68 11.67 5.59
C LEU A 271 -5.07 13.01 5.23
N THR A 272 -5.63 13.68 4.24
CA THR A 272 -4.99 14.86 3.69
C THR A 272 -5.53 16.16 4.26
N GLN A 273 -6.67 16.14 4.95
CA GLN A 273 -7.22 17.37 5.50
C GLN A 273 -7.34 17.38 7.03
N TYR A 274 -7.46 16.24 7.70
CA TYR A 274 -7.84 16.30 9.10
C TYR A 274 -6.90 15.58 10.06
N LEU A 275 -6.21 14.54 9.62
CA LEU A 275 -5.34 13.81 10.52
C LEU A 275 -4.05 14.59 10.75
N THR A 276 -3.46 14.38 11.93
CA THR A 276 -2.22 15.02 12.35
C THR A 276 -1.23 13.96 12.81
N PRO A 277 0.01 14.36 13.08
CA PRO A 277 1.03 13.36 13.44
C PRO A 277 0.68 12.55 14.66
N THR A 278 -0.09 13.10 15.61
CA THR A 278 -0.37 12.36 16.84
C THR A 278 -1.83 11.94 16.96
N SER A 279 -2.58 11.90 15.85
CA SER A 279 -3.97 11.50 15.91
C SER A 279 -4.12 10.11 16.52
N ASN A 280 -5.10 9.96 17.41
CA ASN A 280 -5.45 8.65 17.93
C ASN A 280 -6.72 8.13 17.24
N PHE A 281 -7.16 6.93 17.66
CA PHE A 281 -8.29 6.29 16.99
C PHE A 281 -9.56 7.13 17.10
N SER A 282 -9.83 7.69 18.28
CA SER A 282 -10.99 8.56 18.43
C SER A 282 -10.93 9.76 17.50
N GLN A 283 -9.74 10.32 17.33
CA GLN A 283 -9.57 11.45 16.41
C GLN A 283 -9.72 11.02 14.97
N LEU A 284 -9.32 9.77 14.66
CA LEU A 284 -9.56 9.26 13.31
C LEU A 284 -11.06 9.15 13.04
N ARG A 285 -11.83 8.65 14.00
CA ARG A 285 -13.27 8.60 13.81
C ARG A 285 -13.82 9.99 13.51
N ALA A 286 -13.38 10.99 14.27
CA ALA A 286 -13.86 12.35 14.04
C ALA A 286 -13.48 12.84 12.66
N ALA A 287 -12.25 12.54 12.24
CA ALA A 287 -11.78 12.97 10.93
C ALA A 287 -12.58 12.31 9.81
N ALA A 288 -12.89 11.02 9.97
CA ALA A 288 -13.68 10.31 8.97
C ALA A 288 -15.12 10.82 8.93
N VAL A 289 -15.71 11.07 10.09
CA VAL A 289 -17.05 11.64 10.15
C VAL A 289 -17.07 13.00 9.45
N GLN A 290 -16.09 13.86 9.77
CA GLN A 290 -16.06 15.18 9.12
C GLN A 290 -15.85 15.06 7.62
N SER A 291 -14.97 14.17 7.19
CA SER A 291 -14.71 13.99 5.76
C SER A 291 -15.98 13.56 5.04
N ALA A 292 -16.67 12.56 5.58
CA ALA A 292 -17.90 12.08 4.94
C ALA A 292 -18.95 13.17 4.91
N THR A 293 -18.98 14.02 5.94
CA THR A 293 -19.89 15.15 5.98
C THR A 293 -19.59 16.15 4.86
N ASP A 294 -18.32 16.55 4.73
CA ASP A 294 -17.92 17.43 3.64
C ASP A 294 -18.40 16.91 2.30
N LEU A 295 -18.27 15.60 2.08
CA LEU A 295 -18.46 15.04 0.75
C LEU A 295 -19.91 14.74 0.46
N TYR A 296 -20.66 14.27 1.46
CA TYR A 296 -21.99 13.72 1.24
C TYR A 296 -23.09 14.35 2.08
N GLY A 297 -22.75 15.17 3.07
CA GLY A 297 -23.75 15.85 3.86
C GLY A 297 -23.95 15.22 5.23
N SER A 298 -24.31 16.07 6.20
CA SER A 298 -24.46 15.65 7.59
C SER A 298 -25.45 14.51 7.76
N THR A 299 -26.52 14.47 6.95
CA THR A 299 -27.57 13.48 7.13
C THR A 299 -27.46 12.34 6.13
N SER A 300 -26.31 12.18 5.50
CA SER A 300 -26.17 11.14 4.49
C SER A 300 -26.05 9.77 5.13
N GLN A 301 -26.36 8.74 4.33
CA GLN A 301 -26.06 7.37 4.72
C GLN A 301 -24.58 7.20 4.98
N GLU A 302 -23.75 7.87 4.17
CA GLU A 302 -22.32 7.72 4.28
C GLU A 302 -21.84 8.08 5.68
N VAL A 303 -22.29 9.22 6.20
CA VAL A 303 -21.91 9.63 7.55
C VAL A 303 -22.42 8.62 8.58
N ALA A 304 -23.69 8.21 8.45
CA ALA A 304 -24.23 7.23 9.39
C ALA A 304 -23.42 5.94 9.39
N SER A 305 -22.98 5.49 8.21
CA SER A 305 -22.24 4.23 8.15
C SER A 305 -20.86 4.36 8.76
N VAL A 306 -20.22 5.52 8.58
CA VAL A 306 -18.93 5.74 9.25
C VAL A 306 -19.09 5.57 10.75
N LYS A 307 -20.13 6.20 11.32
CA LYS A 307 -20.38 6.12 12.75
C LYS A 307 -20.65 4.68 13.19
N GLN A 308 -21.50 3.96 12.45
CA GLN A 308 -21.79 2.58 12.80
C GLN A 308 -20.54 1.72 12.79
N ALA A 309 -19.67 1.93 11.80
CA ALA A 309 -18.49 1.09 11.65
C ALA A 309 -17.53 1.30 12.81
N PHE A 310 -17.31 2.55 13.21
CA PHE A 310 -16.46 2.78 14.36
C PHE A 310 -17.14 2.32 15.64
N ASP A 311 -18.47 2.44 15.74
CA ASP A 311 -19.20 1.82 16.85
C ASP A 311 -18.92 0.33 16.92
N ALA A 312 -18.97 -0.36 15.77
CA ALA A 312 -18.85 -1.81 15.74
C ALA A 312 -17.49 -2.28 16.23
N VAL A 313 -16.44 -1.48 16.06
CA VAL A 313 -15.12 -1.84 16.54
C VAL A 313 -14.78 -1.14 17.86
N GLY A 314 -15.76 -0.51 18.50
CA GLY A 314 -15.54 0.02 19.83
C GLY A 314 -14.79 1.33 19.91
N VAL A 315 -14.73 2.11 18.83
CA VAL A 315 -13.99 3.37 18.81
C VAL A 315 -15.00 4.50 18.87
N LYS A 316 -14.98 5.26 19.95
CA LYS A 316 -15.87 6.41 20.10
C LYS A 316 -15.15 7.71 19.85
ZN ZN B . 3.35 -0.51 6.62
CA CA C . 17.01 -8.46 -21.51
CA CA D . -5.32 -10.55 -4.39
CA CA E . 0.69 -18.55 0.70
CA CA F . -4.52 -8.42 -1.30
C4 L5W G . 5.20 -6.64 3.88
C5 L5W G . 5.93 -5.44 3.29
C6 L5W G . 5.36 -4.24 4.06
C7 L5W G . 5.10 -6.24 5.35
N L5W G . 4.76 -2.82 6.23
C L5W G . 4.08 -3.97 6.24
O L5W G . 4.58 -1.92 7.28
C1 L5W G . 4.41 -4.89 5.07
C2 L5W G . 3.18 -5.32 4.28
C3 L5W G . 3.75 -6.42 3.36
O1 L5W G . 3.26 -4.28 7.08
C1 IPA H . 13.12 -4.39 -28.56
C2 IPA H . 13.96 -3.12 -28.55
C3 IPA H . 14.51 -2.84 -29.96
O2 IPA H . 13.12 -2.05 -28.13
C1 GOL I . -6.64 -14.47 -0.18
O1 GOL I . -5.93 -15.20 0.78
C2 GOL I . -7.89 -15.31 -0.56
O2 GOL I . -7.55 -16.57 -1.04
C3 GOL I . -8.62 -14.47 -1.63
O3 GOL I . -9.52 -15.34 -2.26
C1 GOL J . -1.05 -11.64 17.43
O1 GOL J . -1.14 -10.31 17.01
C2 GOL J . -0.46 -12.42 16.25
O2 GOL J . 0.67 -11.81 15.73
C3 GOL J . -0.16 -13.82 16.83
O3 GOL J . 0.10 -13.63 18.19
C1 GOL K . 7.88 1.71 7.12
O1 GOL K . 7.59 1.50 5.79
C2 GOL K . 7.28 0.50 7.88
O2 GOL K . 7.08 -0.57 7.01
C3 GOL K . 8.34 0.14 8.92
O3 GOL K . 9.27 -0.61 8.22
C1 GOL L . 0.38 -9.13 13.03
O1 GOL L . -0.14 -10.01 13.96
C2 GOL L . 0.45 -9.93 11.68
O2 GOL L . -0.82 -10.44 11.31
C3 GOL L . 1.02 -8.92 10.63
O3 GOL L . 0.11 -7.89 10.57
S DMS M . -1.54 20.45 -6.71
O DMS M . -0.98 21.56 -5.89
C1 DMS M . -3.00 21.04 -7.63
C2 DMS M . -0.44 20.02 -8.07
S DMS N . 14.45 11.33 -20.72
O DMS N . 15.39 12.40 -21.23
C1 DMS N . 13.77 11.93 -19.15
C2 DMS N . 12.99 11.38 -21.79
S DMS O . -18.11 0.76 -5.90
O DMS O . -17.58 1.79 -4.98
C1 DMS O . -18.50 1.52 -7.50
C2 DMS O . -16.82 -0.39 -6.44
#